data_8AQB
#
_entry.id   8AQB
#
_cell.length_a   48.366
_cell.length_b   60.716
_cell.length_c   82.932
_cell.angle_alpha   90.000
_cell.angle_beta   90.000
_cell.angle_gamma   90.000
#
_symmetry.space_group_name_H-M   'P 21 21 21'
#
loop_
_entity.id
_entity.type
_entity.pdbx_description
1 polymer 'Serine protease subunit NS2B'
2 polymer 'Serine protease NS3'
3 polymer '(1R,2R,3S,4R,6S)-4,6-diamino-2,3-dihydroxycyclohexyl 2,6-diamino-2,6-dideoxy-alpha-D-glucopyranoside'
4 non-polymer 'ACETATE ION'
5 water water
#
loop_
_entity_poly.entity_id
_entity_poly.type
_entity_poly.pdbx_seq_one_letter_code
_entity_poly.pdbx_strand_id
1 'polypeptide(L)' MTGKSVDMYIERAGDITWEKDAEVTGNSPRLDVALDESGDFSLVEEDGPPMRE A
2 'polypeptide(L)'
;GSGALWDVPAPKEVKKGETTDGVYRVMTRRLLGSTQVGVGVMQEGVFHTMWHVTKGAALRSGEGRLDPYWGDVKQDLVSY
CGPWKLDAAWDGLSEVQLLAVPPGERAKNIQTLPGIFKTKDGDIGAVALDYPAGTSGSPILDKCGRVIGLYGNGVVIKNG
SYVSAITQGKREEETPVE
;
B
3 'polypeptide(L)' (V7T)G(V8N)KW C
#
loop_
_chem_comp.id
_chem_comp.type
_chem_comp.name
_chem_comp.formula
ACT non-polymer 'ACETATE ION' 'C2 H3 O2 -1'
V7T peptide-like '(2R)-6-azanyl-2-carbamimidamido-hexanoic acid' 'C7 H16 N4 O2'
V8N peptide-like '2-[3-(aminomethyl)phenyl]ethanoic acid' 'C9 H11 N O2'
#
# COMPACT_ATOMS: atom_id res chain seq x y z
N VAL A 6 -9.07 16.00 -13.74
CA VAL A 6 -9.29 14.57 -13.56
C VAL A 6 -10.05 14.30 -12.26
N ASP A 7 -11.14 13.52 -12.37
CA ASP A 7 -11.92 13.12 -11.20
C ASP A 7 -11.26 11.91 -10.57
N MET A 8 -10.56 12.11 -9.46
CA MET A 8 -9.99 11.02 -8.68
C MET A 8 -10.83 10.84 -7.41
N TYR A 9 -11.36 9.64 -7.22
CA TYR A 9 -12.39 9.42 -6.20
C TYR A 9 -12.18 8.04 -5.57
N ILE A 10 -12.79 7.84 -4.41
CA ILE A 10 -12.63 6.58 -3.70
C ILE A 10 -13.97 5.87 -3.59
N GLU A 11 -13.92 4.55 -3.50
N GLU A 11 -13.91 4.54 -3.51
CA GLU A 11 -15.12 3.74 -3.34
CA GLU A 11 -15.07 3.68 -3.42
C GLU A 11 -14.82 2.56 -2.43
C GLU A 11 -14.77 2.58 -2.40
N ARG A 12 -15.70 2.32 -1.48
CA ARG A 12 -15.43 1.31 -0.46
C ARG A 12 -15.33 -0.07 -1.11
N ALA A 13 -14.41 -0.87 -0.61
CA ALA A 13 -14.16 -2.18 -1.18
C ALA A 13 -14.16 -3.29 -0.14
N GLY A 14 -14.38 -2.99 1.12
CA GLY A 14 -14.59 -4.05 2.08
C GLY A 14 -14.04 -3.71 3.45
N ASP A 15 -14.19 -4.68 4.34
CA ASP A 15 -13.70 -4.59 5.71
C ASP A 15 -12.27 -5.09 5.76
N ILE A 16 -11.53 -4.62 6.74
CA ILE A 16 -10.13 -5.01 6.93
C ILE A 16 -10.10 -6.05 8.04
N THR A 17 -9.89 -7.31 7.65
CA THR A 17 -9.99 -8.45 8.54
C THR A 17 -8.96 -9.49 8.14
N TRP A 18 -8.29 -10.06 9.13
CA TRP A 18 -7.41 -11.21 8.92
C TRP A 18 -8.25 -12.43 8.63
N GLU A 19 -7.82 -13.22 7.64
CA GLU A 19 -8.54 -14.43 7.26
C GLU A 19 -7.89 -15.64 7.93
N LYS A 20 -8.65 -16.38 8.72
CA LYS A 20 -8.13 -17.61 9.32
C LYS A 20 -7.92 -18.66 8.23
N ASP A 21 -6.91 -19.50 8.43
CA ASP A 21 -6.59 -20.57 7.49
C ASP A 21 -6.44 -20.06 6.06
N ALA A 22 -5.53 -19.11 5.89
CA ALA A 22 -5.37 -18.48 4.59
C ALA A 22 -4.36 -19.22 3.74
N GLU A 23 -4.45 -19.00 2.41
CA GLU A 23 -3.43 -19.49 1.50
C GLU A 23 -2.12 -18.77 1.75
N VAL A 24 -1.04 -19.55 1.93
CA VAL A 24 0.30 -19.05 2.20
C VAL A 24 1.14 -19.23 0.95
N THR A 25 1.77 -18.16 0.50
CA THR A 25 2.57 -18.21 -0.71
C THR A 25 3.69 -17.19 -0.65
N GLY A 26 4.59 -17.30 -1.61
CA GLY A 26 5.70 -16.38 -1.75
C GLY A 26 6.90 -16.80 -0.93
N ASN A 27 8.07 -16.42 -1.40
CA ASN A 27 9.28 -16.70 -0.66
C ASN A 27 9.58 -15.52 0.27
N SER A 28 10.77 -15.51 0.86
CA SER A 28 11.17 -14.52 1.85
C SER A 28 12.54 -13.99 1.47
N PRO A 29 12.62 -13.19 0.41
CA PRO A 29 13.92 -12.83 -0.14
C PRO A 29 14.67 -11.85 0.75
N ARG A 30 15.98 -12.00 0.75
CA ARG A 30 16.88 -11.13 1.50
C ARG A 30 17.64 -10.31 0.47
N LEU A 31 17.27 -9.04 0.34
CA LEU A 31 17.74 -8.18 -0.73
C LEU A 31 18.44 -6.95 -0.17
N ASP A 32 19.52 -6.54 -0.82
CA ASP A 32 20.21 -5.29 -0.50
C ASP A 32 19.65 -4.19 -1.41
N VAL A 33 19.07 -3.16 -0.81
N VAL A 33 19.18 -3.11 -0.79
CA VAL A 33 18.46 -2.10 -1.58
CA VAL A 33 18.35 -2.11 -1.47
C VAL A 33 18.94 -0.75 -1.08
C VAL A 33 18.76 -0.72 -1.00
N ALA A 34 18.74 0.25 -1.93
CA ALA A 34 18.96 1.65 -1.62
C ALA A 34 17.66 2.41 -1.85
N LEU A 35 17.42 3.42 -1.02
CA LEU A 35 16.23 4.26 -1.08
C LEU A 35 16.69 5.68 -1.34
N ASP A 36 16.26 6.27 -2.45
CA ASP A 36 16.67 7.63 -2.78
C ASP A 36 15.66 8.65 -2.22
N GLU A 37 15.99 9.94 -2.38
CA GLU A 37 15.20 10.98 -1.74
C GLU A 37 13.82 11.13 -2.36
N SER A 38 13.59 10.55 -3.54
N SER A 38 13.59 10.56 -3.54
CA SER A 38 12.29 10.56 -4.19
CA SER A 38 12.26 10.58 -4.15
C SER A 38 11.43 9.36 -3.80
C SER A 38 11.47 9.32 -3.87
N GLY A 39 11.94 8.46 -2.95
CA GLY A 39 11.19 7.29 -2.60
C GLY A 39 11.40 6.09 -3.49
N ASP A 40 12.42 6.11 -4.34
CA ASP A 40 12.68 4.98 -5.23
C ASP A 40 13.58 3.98 -4.52
N PHE A 41 13.12 2.73 -4.45
CA PHE A 41 13.96 1.61 -4.02
C PHE A 41 14.63 1.01 -5.24
N SER A 42 15.94 0.78 -5.14
N SER A 42 15.94 0.77 -5.15
CA SER A 42 16.68 0.09 -6.18
CA SER A 42 16.66 0.10 -6.22
C SER A 42 17.53 -1.01 -5.55
C SER A 42 17.64 -0.92 -5.63
N LEU A 43 17.76 -2.06 -6.32
CA LEU A 43 18.69 -3.09 -5.89
C LEU A 43 20.10 -2.55 -5.99
N VAL A 44 20.91 -2.87 -4.97
CA VAL A 44 22.32 -2.51 -4.98
C VAL A 44 23.05 -3.56 -5.79
N GLU A 45 23.65 -3.14 -6.90
CA GLU A 45 24.38 -4.05 -7.78
C GLU A 45 25.88 -3.95 -7.54
N GLU B 18 -18.85 8.97 4.58
CA GLU B 18 -17.86 9.29 3.55
C GLU B 18 -16.45 8.96 3.99
N THR B 19 -16.28 8.76 5.29
CA THR B 19 -15.00 8.33 5.87
C THR B 19 -15.21 7.14 6.79
N THR B 20 -16.10 6.22 6.42
CA THR B 20 -16.29 5.02 7.22
C THR B 20 -15.07 4.11 7.11
N ASP B 21 -14.68 3.51 8.24
CA ASP B 21 -13.52 2.64 8.27
C ASP B 21 -13.62 1.54 7.22
N GLY B 22 -12.50 1.21 6.61
CA GLY B 22 -12.45 0.11 5.67
C GLY B 22 -11.36 0.33 4.63
N VAL B 23 -11.31 -0.61 3.68
CA VAL B 23 -10.40 -0.49 2.54
C VAL B 23 -11.20 0.02 1.34
N TYR B 24 -10.56 0.87 0.52
CA TYR B 24 -11.20 1.57 -0.58
C TYR B 24 -10.35 1.47 -1.83
N ARG B 25 -11.03 1.41 -2.98
CA ARG B 25 -10.37 1.62 -4.25
C ARG B 25 -10.21 3.11 -4.52
N VAL B 26 -9.11 3.48 -5.17
CA VAL B 26 -8.84 4.84 -5.65
C VAL B 26 -8.97 4.77 -7.17
N MET B 27 -9.93 5.52 -7.71
CA MET B 27 -10.30 5.47 -9.11
C MET B 27 -10.09 6.82 -9.77
N THR B 28 -9.85 6.79 -11.08
CA THR B 28 -9.87 8.01 -11.87
C THR B 28 -10.83 7.83 -13.04
N ARG B 29 -11.47 8.94 -13.42
N ARG B 29 -11.45 8.95 -13.44
CA ARG B 29 -12.35 8.94 -14.57
CA ARG B 29 -12.39 8.95 -14.55
C ARG B 29 -12.22 10.30 -15.27
C ARG B 29 -12.26 10.29 -15.27
N ARG B 30 -12.34 10.27 -16.59
CA ARG B 30 -12.37 11.49 -17.39
C ARG B 30 -13.77 11.57 -18.01
N LEU B 31 -13.84 11.47 -19.34
CA LEU B 31 -15.12 11.50 -20.02
C LEU B 31 -15.73 10.11 -20.19
N LEU B 32 -14.93 9.07 -20.17
CA LEU B 32 -15.39 7.71 -20.46
C LEU B 32 -15.30 6.87 -19.17
N GLY B 33 -14.77 5.65 -19.22
CA GLY B 33 -14.78 4.77 -18.08
C GLY B 33 -13.73 5.12 -17.04
N SER B 34 -13.74 4.34 -15.97
N SER B 34 -13.76 4.36 -15.96
CA SER B 34 -12.86 4.56 -14.83
CA SER B 34 -12.86 4.57 -14.83
C SER B 34 -11.70 3.57 -14.84
C SER B 34 -11.67 3.62 -14.91
N THR B 35 -10.61 3.99 -14.19
CA THR B 35 -9.42 3.18 -14.04
C THR B 35 -9.10 3.14 -12.55
N GLN B 36 -8.80 1.95 -12.03
CA GLN B 36 -8.34 1.86 -10.65
C GLN B 36 -6.83 2.13 -10.61
N VAL B 37 -6.44 3.21 -9.95
CA VAL B 37 -5.03 3.56 -9.83
C VAL B 37 -4.44 3.11 -8.49
N GLY B 38 -5.28 2.78 -7.50
CA GLY B 38 -4.74 2.30 -6.25
C GLY B 38 -5.84 1.95 -5.29
N VAL B 39 -5.43 1.91 -4.01
CA VAL B 39 -6.21 1.42 -2.89
C VAL B 39 -5.75 2.23 -1.69
N GLY B 40 -6.60 2.32 -0.66
CA GLY B 40 -6.15 2.88 0.59
C GLY B 40 -7.03 2.48 1.74
N VAL B 41 -6.66 2.97 2.92
CA VAL B 41 -7.26 2.57 4.19
C VAL B 41 -7.87 3.80 4.86
N MET B 42 -9.14 3.71 5.21
CA MET B 42 -9.79 4.71 6.05
C MET B 42 -9.76 4.19 7.48
N GLN B 43 -9.13 4.97 8.37
CA GLN B 43 -9.10 4.65 9.79
C GLN B 43 -9.09 5.95 10.58
N GLU B 44 -9.95 6.02 11.60
CA GLU B 44 -10.03 7.19 12.47
C GLU B 44 -10.26 8.48 11.68
N GLY B 45 -11.08 8.39 10.63
CA GLY B 45 -11.43 9.55 9.83
C GLY B 45 -10.38 10.01 8.86
N VAL B 46 -9.28 9.28 8.72
CA VAL B 46 -8.16 9.66 7.86
C VAL B 46 -7.99 8.60 6.78
N PHE B 47 -7.76 9.07 5.55
CA PHE B 47 -7.53 8.16 4.43
C PHE B 47 -6.03 8.07 4.19
N HIS B 48 -5.53 6.84 4.06
CA HIS B 48 -4.12 6.54 3.96
C HIS B 48 -3.85 5.80 2.66
N THR B 49 -2.92 6.31 1.85
CA THR B 49 -2.57 5.62 0.62
C THR B 49 -1.10 5.89 0.31
N MET B 50 -0.64 5.33 -0.81
CA MET B 50 0.73 5.59 -1.26
C MET B 50 0.77 6.84 -2.13
N TRP B 51 1.82 7.65 -1.96
CA TRP B 51 1.93 8.89 -2.71
C TRP B 51 1.80 8.66 -4.22
N HIS B 52 2.43 7.62 -4.74
CA HIS B 52 2.43 7.45 -6.19
C HIS B 52 1.06 7.15 -6.75
N VAL B 53 0.09 6.78 -5.91
CA VAL B 53 -1.27 6.55 -6.37
C VAL B 53 -1.95 7.86 -6.73
N THR B 54 -1.85 8.87 -5.86
CA THR B 54 -2.60 10.10 -6.05
C THR B 54 -1.72 11.29 -6.43
N LYS B 55 -0.41 11.13 -6.36
CA LYS B 55 0.55 12.22 -6.53
C LYS B 55 0.26 13.35 -5.56
N GLY B 56 -0.38 13.02 -4.45
CA GLY B 56 -0.62 14.01 -3.42
C GLY B 56 -1.72 14.98 -3.73
N ALA B 57 -2.60 14.66 -4.69
CA ALA B 57 -3.73 15.50 -5.08
C ALA B 57 -4.98 15.18 -4.26
N ALA B 58 -5.97 16.07 -4.31
CA ALA B 58 -7.19 15.88 -3.53
C ALA B 58 -7.99 14.70 -4.08
N LEU B 59 -8.86 14.16 -3.22
CA LEU B 59 -9.74 13.03 -3.56
C LEU B 59 -11.19 13.40 -3.32
N ARG B 60 -12.07 12.83 -4.13
CA ARG B 60 -13.50 12.90 -3.92
C ARG B 60 -13.98 11.63 -3.22
N SER B 61 -14.89 11.80 -2.27
CA SER B 61 -15.53 10.68 -1.59
C SER B 61 -17.02 10.99 -1.62
N GLY B 62 -17.73 10.34 -2.53
CA GLY B 62 -19.13 10.67 -2.71
C GLY B 62 -19.24 12.12 -3.12
N GLU B 63 -19.99 12.91 -2.35
CA GLU B 63 -20.13 14.34 -2.58
C GLU B 63 -19.13 15.17 -1.80
N GLY B 64 -18.19 14.55 -1.07
CA GLY B 64 -17.24 15.26 -0.26
C GLY B 64 -15.85 15.31 -0.88
N ARG B 65 -15.05 16.26 -0.39
CA ARG B 65 -13.66 16.40 -0.82
C ARG B 65 -12.73 16.09 0.34
N LEU B 66 -11.72 15.27 0.08
CA LEU B 66 -10.69 14.92 1.05
C LEU B 66 -9.41 15.62 0.65
N ASP B 67 -8.88 16.44 1.55
CA ASP B 67 -7.70 17.22 1.24
C ASP B 67 -6.45 16.57 1.81
N PRO B 68 -5.35 16.59 1.07
CA PRO B 68 -4.09 16.06 1.60
C PRO B 68 -3.72 16.79 2.88
N TYR B 69 -3.16 16.05 3.83
CA TYR B 69 -2.83 16.59 5.14
C TYR B 69 -1.35 16.38 5.47
N TRP B 70 -0.90 15.13 5.50
CA TRP B 70 0.48 14.77 5.72
C TRP B 70 0.96 13.96 4.53
N GLY B 71 2.25 14.03 4.23
CA GLY B 71 2.80 13.11 3.25
C GLY B 71 4.29 13.22 3.20
N ASP B 72 4.89 12.27 2.48
CA ASP B 72 6.36 12.16 2.42
C ASP B 72 6.69 11.32 1.19
N VAL B 73 7.25 11.97 0.16
CA VAL B 73 7.54 11.24 -1.07
C VAL B 73 8.60 10.17 -0.86
N LYS B 74 9.53 10.38 0.07
CA LYS B 74 10.58 9.38 0.30
C LYS B 74 9.98 8.10 0.88
N GLN B 75 9.01 8.23 1.78
CA GLN B 75 8.28 7.08 2.28
C GLN B 75 7.23 6.59 1.29
N ASP B 76 6.90 7.41 0.29
CA ASP B 76 5.85 7.12 -0.68
C ASP B 76 4.49 6.99 -0.02
N LEU B 77 4.17 7.89 0.92
CA LEU B 77 2.93 7.85 1.67
C LEU B 77 2.26 9.21 1.72
N VAL B 78 0.94 9.21 1.87
N VAL B 78 0.92 9.19 1.82
CA VAL B 78 0.15 10.42 2.00
CA VAL B 78 0.12 10.40 1.99
C VAL B 78 -1.10 10.09 2.81
C VAL B 78 -1.07 10.05 2.88
N SER B 79 -1.51 11.03 3.66
CA SER B 79 -2.76 10.93 4.41
C SER B 79 -3.64 12.13 4.08
N TYR B 80 -4.95 11.89 4.19
CA TYR B 80 -5.99 12.86 3.89
C TYR B 80 -6.85 13.08 5.12
N CYS B 81 -7.22 14.34 5.37
CA CYS B 81 -8.15 14.74 6.42
C CYS B 81 -7.53 14.85 7.82
N GLY B 82 -6.33 14.31 8.01
CA GLY B 82 -5.68 14.34 9.29
C GLY B 82 -4.33 13.66 9.18
N PRO B 83 -3.59 13.63 10.28
CA PRO B 83 -2.26 13.00 10.29
C PRO B 83 -2.35 11.49 10.19
N TRP B 84 -1.22 10.89 9.84
CA TRP B 84 -1.14 9.44 9.68
C TRP B 84 -1.51 8.73 10.98
N LYS B 85 -2.45 7.77 10.88
CA LYS B 85 -2.99 7.09 12.05
C LYS B 85 -2.53 5.66 12.24
N LEU B 86 -1.95 5.04 11.21
CA LEU B 86 -1.61 3.61 11.26
C LEU B 86 -0.30 3.44 12.00
N ASP B 87 -0.36 2.85 13.19
CA ASP B 87 0.79 2.78 14.09
C ASP B 87 1.36 1.38 14.26
N ALA B 88 0.66 0.34 13.81
CA ALA B 88 1.13 -1.02 14.06
C ALA B 88 2.38 -1.32 13.25
N ALA B 89 3.26 -2.12 13.81
CA ALA B 89 4.53 -2.46 13.20
C ALA B 89 4.64 -3.96 12.99
N TRP B 90 5.20 -4.38 11.86
CA TRP B 90 5.58 -5.77 11.71
C TRP B 90 6.51 -6.15 12.85
N ASP B 91 6.26 -7.31 13.46
CA ASP B 91 7.06 -7.73 14.61
C ASP B 91 8.42 -8.28 14.21
N GLY B 92 8.76 -8.30 12.93
CA GLY B 92 10.03 -8.79 12.47
C GLY B 92 10.18 -10.29 12.48
N LEU B 93 9.08 -11.04 12.68
CA LEU B 93 9.12 -12.47 12.86
C LEU B 93 7.98 -13.21 12.19
N SER B 94 6.75 -12.70 12.35
CA SER B 94 5.55 -13.45 12.05
C SER B 94 5.12 -13.30 10.59
N GLU B 95 4.34 -14.29 10.14
CA GLU B 95 3.66 -14.17 8.86
C GLU B 95 2.65 -13.02 8.91
N VAL B 96 2.38 -12.47 7.72
CA VAL B 96 1.50 -11.33 7.54
C VAL B 96 0.51 -11.69 6.44
N GLN B 97 -0.53 -10.85 6.27
CA GLN B 97 -1.45 -11.00 5.16
C GLN B 97 -1.53 -9.72 4.35
N LEU B 98 -1.38 -9.86 3.04
CA LEU B 98 -1.76 -8.79 2.13
C LEU B 98 -3.25 -8.91 1.88
N LEU B 99 -3.99 -7.84 2.17
CA LEU B 99 -5.40 -7.75 1.79
C LEU B 99 -5.41 -7.05 0.42
N ALA B 100 -5.19 -7.86 -0.62
CA ALA B 100 -5.07 -7.33 -1.96
C ALA B 100 -6.43 -6.93 -2.50
N VAL B 101 -6.49 -5.74 -3.09
CA VAL B 101 -7.72 -5.25 -3.73
C VAL B 101 -7.36 -4.96 -5.18
N PRO B 102 -7.24 -5.96 -6.04
CA PRO B 102 -6.79 -5.74 -7.40
C PRO B 102 -7.90 -5.10 -8.23
N PRO B 103 -7.54 -4.37 -9.28
CA PRO B 103 -8.57 -3.84 -10.18
C PRO B 103 -9.52 -4.93 -10.64
N GLY B 104 -10.81 -4.66 -10.53
CA GLY B 104 -11.80 -5.58 -11.04
C GLY B 104 -12.00 -6.86 -10.27
N GLU B 105 -11.41 -7.00 -9.07
CA GLU B 105 -11.53 -8.21 -8.26
C GLU B 105 -11.84 -7.83 -6.82
N ARG B 106 -12.61 -8.68 -6.12
CA ARG B 106 -12.91 -8.37 -4.72
C ARG B 106 -11.66 -8.61 -3.86
N ALA B 107 -11.67 -7.99 -2.69
CA ALA B 107 -10.55 -8.10 -1.77
C ALA B 107 -10.27 -9.57 -1.45
N LYS B 108 -8.99 -9.92 -1.39
CA LYS B 108 -8.58 -11.27 -1.04
C LYS B 108 -7.36 -11.19 -0.12
N ASN B 109 -7.28 -12.14 0.81
CA ASN B 109 -6.19 -12.21 1.77
C ASN B 109 -5.16 -13.22 1.30
N ILE B 110 -3.90 -12.83 1.29
CA ILE B 110 -2.80 -13.71 0.93
C ILE B 110 -1.80 -13.68 2.07
N GLN B 111 -1.52 -14.84 2.66
CA GLN B 111 -0.57 -14.92 3.76
C GLN B 111 0.83 -15.22 3.25
N THR B 112 1.84 -14.64 3.91
CA THR B 112 3.22 -14.82 3.47
C THR B 112 4.14 -14.56 4.64
N LEU B 113 5.35 -15.14 4.59
CA LEU B 113 6.41 -14.78 5.52
C LEU B 113 7.28 -13.74 4.84
N PRO B 114 7.32 -12.50 5.32
CA PRO B 114 8.13 -11.49 4.65
C PRO B 114 9.59 -11.86 4.57
N GLY B 115 10.22 -11.41 3.50
CA GLY B 115 11.65 -11.24 3.44
C GLY B 115 12.04 -9.87 3.97
N ILE B 116 13.23 -9.42 3.57
CA ILE B 116 13.84 -8.24 4.16
C ILE B 116 14.52 -7.42 3.06
N PHE B 117 14.21 -6.13 3.03
CA PHE B 117 15.03 -5.14 2.34
C PHE B 117 16.08 -4.67 3.35
N LYS B 118 17.35 -4.97 3.10
CA LYS B 118 18.45 -4.48 3.93
C LYS B 118 18.95 -3.17 3.33
N THR B 119 18.84 -2.09 4.09
CA THR B 119 19.31 -0.80 3.65
C THR B 119 20.36 -0.28 4.63
N LYS B 120 21.08 0.76 4.21
CA LYS B 120 22.10 1.34 5.07
C LYS B 120 21.52 1.88 6.36
N ASP B 121 20.21 2.13 6.41
CA ASP B 121 19.55 2.72 7.57
C ASP B 121 18.74 1.70 8.35
N GLY B 122 18.81 0.43 7.98
CA GLY B 122 18.14 -0.63 8.70
C GLY B 122 17.32 -1.51 7.78
N ASP B 123 16.70 -2.52 8.39
CA ASP B 123 15.94 -3.52 7.66
C ASP B 123 14.48 -3.11 7.58
N ILE B 124 13.85 -3.47 6.47
CA ILE B 124 12.42 -3.26 6.25
C ILE B 124 11.83 -4.59 5.79
N GLY B 125 10.74 -5.02 6.40
CA GLY B 125 10.05 -6.18 5.91
C GLY B 125 9.58 -5.98 4.48
N ALA B 126 9.51 -7.06 3.72
CA ALA B 126 9.18 -6.98 2.31
C ALA B 126 8.46 -8.25 1.90
N VAL B 127 7.45 -8.12 1.05
CA VAL B 127 6.62 -9.25 0.64
C VAL B 127 6.79 -9.54 -0.84
N ALA B 128 7.02 -10.82 -1.15
CA ALA B 128 7.25 -11.27 -2.51
C ALA B 128 5.91 -11.74 -3.09
N LEU B 129 5.06 -10.75 -3.38
CA LEU B 129 3.71 -10.94 -3.87
C LEU B 129 3.54 -9.95 -5.02
N ASP B 130 2.99 -10.42 -6.14
CA ASP B 130 2.96 -9.65 -7.39
C ASP B 130 1.53 -9.47 -7.85
N TYR B 131 1.11 -8.22 -7.93
CA TYR B 131 -0.24 -7.82 -8.32
C TYR B 131 -0.19 -6.64 -9.26
N PRO B 132 -1.30 -6.33 -9.94
CA PRO B 132 -1.29 -5.20 -10.88
C PRO B 132 -0.97 -3.88 -10.18
N ALA B 133 -0.52 -2.91 -10.99
CA ALA B 133 -0.12 -1.60 -10.47
C ALA B 133 -1.22 -0.96 -9.63
N GLY B 134 -2.48 -1.09 -10.04
CA GLY B 134 -3.57 -0.48 -9.31
C GLY B 134 -3.92 -1.13 -7.99
N THR B 135 -3.18 -2.17 -7.60
CA THR B 135 -3.29 -2.76 -6.26
C THR B 135 -2.50 -1.95 -5.25
N SER B 136 -1.69 -1.00 -5.70
CA SER B 136 -0.91 -0.14 -4.83
C SER B 136 -1.77 0.49 -3.76
N GLY B 137 -1.30 0.44 -2.51
CA GLY B 137 -2.01 0.96 -1.37
C GLY B 137 -2.80 -0.09 -0.60
N SER B 138 -2.84 -1.31 -1.10
CA SER B 138 -3.54 -2.36 -0.38
C SER B 138 -2.85 -2.59 0.96
N PRO B 139 -3.62 -2.83 2.02
CA PRO B 139 -3.01 -2.95 3.35
C PRO B 139 -2.44 -4.33 3.61
N ILE B 140 -1.37 -4.33 4.40
CA ILE B 140 -0.73 -5.53 4.91
C ILE B 140 -1.03 -5.59 6.39
N LEU B 141 -1.44 -6.77 6.87
CA LEU B 141 -2.06 -6.95 8.17
C LEU B 141 -1.26 -7.91 9.05
N ASP B 142 -1.28 -7.64 10.36
CA ASP B 142 -0.87 -8.62 11.36
C ASP B 142 -2.06 -9.49 11.75
N LYS B 143 -1.80 -10.48 12.63
CA LYS B 143 -2.82 -11.46 12.97
C LYS B 143 -3.98 -10.86 13.74
N CYS B 144 -3.81 -9.67 14.30
CA CYS B 144 -4.91 -8.95 14.94
C CYS B 144 -5.69 -8.09 13.96
N GLY B 145 -5.34 -8.15 12.67
CA GLY B 145 -6.00 -7.33 11.68
C GLY B 145 -5.56 -5.88 11.65
N ARG B 146 -4.52 -5.52 12.39
CA ARG B 146 -4.01 -4.16 12.33
C ARG B 146 -3.18 -3.98 11.07
N VAL B 147 -3.23 -2.77 10.52
CA VAL B 147 -2.50 -2.47 9.30
C VAL B 147 -1.06 -2.15 9.66
N ILE B 148 -0.14 -3.02 9.27
CA ILE B 148 1.29 -2.83 9.55
C ILE B 148 2.01 -2.13 8.40
N GLY B 149 1.35 -1.88 7.28
CA GLY B 149 1.93 -1.12 6.21
C GLY B 149 1.08 -1.24 4.96
N LEU B 150 1.49 -0.53 3.92
CA LEU B 150 0.83 -0.57 2.63
C LEU B 150 1.74 -1.19 1.59
N TYR B 151 1.11 -1.93 0.66
CA TYR B 151 1.78 -2.63 -0.43
C TYR B 151 1.92 -1.75 -1.65
N GLY B 152 3.10 -1.81 -2.29
CA GLY B 152 3.21 -1.25 -3.61
C GLY B 152 4.40 -0.37 -3.93
N ASN B 153 5.35 -0.22 -3.02
CA ASN B 153 6.62 0.43 -3.38
C ASN B 153 7.74 -0.59 -3.14
N GLY B 154 8.45 -0.95 -4.20
CA GLY B 154 9.39 -2.04 -4.10
C GLY B 154 10.37 -2.12 -5.26
N VAL B 155 10.77 -3.34 -5.60
CA VAL B 155 11.78 -3.60 -6.61
C VAL B 155 11.34 -4.78 -7.47
N VAL B 156 11.91 -4.85 -8.67
CA VAL B 156 11.76 -5.99 -9.57
C VAL B 156 13.09 -6.73 -9.58
N ILE B 157 13.06 -8.02 -9.21
CA ILE B 157 14.27 -8.83 -9.13
C ILE B 157 14.56 -9.46 -10.48
N LYS B 158 15.63 -10.26 -10.54
CA LYS B 158 16.24 -10.60 -11.82
C LYS B 158 15.26 -11.28 -12.77
N ASN B 159 14.41 -12.16 -12.25
CA ASN B 159 13.50 -12.93 -13.09
C ASN B 159 12.25 -12.17 -13.46
N GLY B 160 12.14 -10.88 -13.09
CA GLY B 160 10.98 -10.09 -13.42
C GLY B 160 9.89 -10.08 -12.36
N SER B 161 10.02 -10.87 -11.31
CA SER B 161 9.02 -10.85 -10.25
C SER B 161 9.26 -9.67 -9.30
N TYR B 162 8.31 -9.44 -8.42
CA TYR B 162 8.20 -8.23 -7.65
C TYR B 162 8.33 -8.50 -6.16
N VAL B 163 8.94 -7.57 -5.45
CA VAL B 163 8.98 -7.58 -3.99
C VAL B 163 8.63 -6.18 -3.50
N SER B 164 7.62 -6.08 -2.64
CA SER B 164 7.16 -4.81 -2.09
C SER B 164 7.67 -4.61 -0.67
N ALA B 165 8.15 -3.41 -0.36
CA ALA B 165 8.35 -3.08 1.05
C ALA B 165 7.01 -3.16 1.78
N ILE B 166 7.06 -3.46 3.07
CA ILE B 166 5.94 -3.20 3.98
C ILE B 166 6.11 -1.75 4.43
N THR B 167 5.46 -0.82 3.74
CA THR B 167 5.71 0.60 3.99
C THR B 167 4.75 1.11 5.06
N GLN B 168 5.28 1.60 6.16
CA GLN B 168 4.50 2.13 7.26
C GLN B 168 4.96 3.55 7.59
N GLY B 169 4.01 4.41 7.94
CA GLY B 169 4.31 5.76 8.37
C GLY B 169 4.46 5.83 9.87
N LYS B 170 4.66 7.04 10.37
CA LYS B 170 4.79 7.28 11.81
C LYS B 170 3.52 7.96 12.29
N ARG B 171 2.95 7.46 13.38
CA ARG B 171 1.86 8.16 14.04
C ARG B 171 2.47 9.09 15.08
N GLU B 172 2.42 10.38 14.82
CA GLU B 172 3.08 11.37 15.68
C GLU B 172 2.39 11.45 17.04
N1 V7T C 1 6.88 -5.63 -12.37
N2 V7T C 1 6.46 -7.88 -11.80
CA V7T C 1 4.68 -4.85 -10.71
CD V7T C 1 2.65 -3.33 -7.74
CE V7T C 1 2.20 -1.94 -7.35
NZ V7T C 1 3.30 -0.98 -7.33
CG V7T C 1 3.35 -3.37 -9.09
CB V7T C 1 3.85 -4.77 -9.43
C2 V7T C 1 6.20 -6.53 -11.71
N V7T C 1 5.19 -6.21 -10.87
C V7T C 1 3.87 -4.36 -11.91
O V7T C 1 3.89 -3.17 -12.24
N GLY C 2 3.14 -5.27 -12.56
CA GLY C 2 2.29 -4.85 -13.66
C GLY C 2 3.05 -4.34 -14.87
O V8N C 3 7.40 -2.91 -11.13
C V8N C 3 7.62 -1.76 -11.48
C20 V8N C 3 7.59 -1.31 -12.92
C21 V8N C 3 7.63 -2.44 -13.93
C22 V8N C 3 6.45 -2.90 -14.52
C23 V8N C 3 6.47 -3.91 -15.48
C24 V8N C 3 5.18 -4.39 -16.08
C31 V8N C 3 7.69 -4.48 -15.82
C32 V8N C 3 8.87 -4.05 -15.23
C33 V8N C 3 8.83 -3.03 -14.29
N V8N C 3 4.26 -4.87 -15.06
N LYS C 4 7.87 -0.78 -10.61
CA LYS C 4 8.14 -0.99 -9.20
C LYS C 4 7.00 -0.50 -8.30
N TRP C 5 5.94 0.04 -8.92
CA TRP C 5 4.84 0.68 -8.21
C TRP C 5 3.58 -0.18 -8.35
C ACT D . 8.07 3.14 -11.06
O ACT D . 8.82 3.62 -10.09
OXT ACT D . 7.44 2.07 -11.15
CH3 ACT D . 7.94 3.98 -12.26
#